data_4BBQ
#
_entry.id   4BBQ
#
_cell.length_a   49.024
_cell.length_b   30.053
_cell.length_c   90.824
_cell.angle_alpha   90.00
_cell.angle_beta   91.66
_cell.angle_gamma   90.00
#
_symmetry.space_group_name_H-M   'P 1 21 1'
#
loop_
_entity.id
_entity.type
_entity.pdbx_description
1 polymer 'LYSINE-SPECIFIC DEMETHYLASE 2A'
2 non-polymer 1,2-ETHANEDIOL
3 non-polymer 'ZINC ION'
4 water water
#
_entity_poly.entity_id   1
_entity_poly.type   'polypeptide(L)'
_entity_poly.pdbx_seq_one_letter_code
;SMRRVRCRKCKACVQGECGVCHYCRDMKKFGGPGRMKQSCVLRQCLAPRLPHSVTCSLCGEVDQNEETQDFEKKLMECCI
CNEIVHPGCLQMDGEGLLNEELPNCWECPKCYQEDSS
;
_entity_poly.pdbx_strand_id   A,B
#
# COMPACT_ATOMS: atom_id res chain seq x y z
N MET A 2 4.75 10.01 -5.32
CA MET A 2 4.90 10.78 -4.08
C MET A 2 6.25 11.57 -4.10
N ARG A 3 7.37 10.89 -4.44
CA ARG A 3 8.70 11.51 -4.52
C ARG A 3 8.68 12.48 -5.70
N ARG A 4 9.04 13.75 -5.45
CA ARG A 4 8.94 14.79 -6.45
C ARG A 4 10.30 15.21 -7.03
N VAL A 5 10.23 15.93 -8.15
CA VAL A 5 11.39 16.41 -8.87
C VAL A 5 11.37 17.93 -8.86
N ARG A 6 12.54 18.47 -9.14
CA ARG A 6 12.93 19.86 -9.24
C ARG A 6 12.14 20.55 -10.39
N CYS A 7 11.52 21.72 -10.10
CA CYS A 7 10.68 22.46 -11.06
C CYS A 7 11.52 23.19 -12.14
N ARG A 8 12.80 23.51 -11.83
CA ARG A 8 13.77 24.17 -12.73
C ARG A 8 13.42 25.63 -13.02
N LYS A 9 12.36 26.18 -12.36
CA LYS A 9 11.85 27.54 -12.60
C LYS A 9 12.05 28.52 -11.42
N CYS A 10 11.88 28.03 -10.17
CA CYS A 10 11.90 28.86 -8.96
C CYS A 10 13.28 29.51 -8.69
N LYS A 11 13.29 30.47 -7.74
CA LYS A 11 14.46 31.23 -7.26
C LYS A 11 15.60 30.28 -6.81
N ALA A 12 15.26 29.16 -6.13
CA ALA A 12 16.21 28.15 -5.66
C ALA A 12 16.81 27.33 -6.82
N CYS A 13 15.98 26.89 -7.77
CA CYS A 13 16.40 26.12 -8.93
C CYS A 13 17.37 26.88 -9.87
N VAL A 14 17.09 28.15 -10.19
CA VAL A 14 17.90 28.93 -11.16
C VAL A 14 19.28 29.35 -10.58
N GLN A 15 19.39 29.34 -9.25
CA GLN A 15 20.59 29.65 -8.47
C GLN A 15 21.68 28.58 -8.75
N GLY A 16 22.92 29.01 -8.97
CA GLY A 16 24.02 28.08 -9.18
C GLY A 16 24.45 27.45 -7.86
N GLU A 17 25.16 26.29 -7.91
CA GLU A 17 25.68 25.64 -6.70
C GLU A 17 26.73 26.56 -6.07
N CYS A 18 26.57 26.86 -4.75
CA CYS A 18 27.40 27.83 -4.03
C CYS A 18 28.88 27.36 -3.87
N GLY A 19 29.11 26.03 -3.82
CA GLY A 19 30.44 25.45 -3.67
C GLY A 19 31.01 25.47 -2.27
N VAL A 20 30.29 26.08 -1.29
CA VAL A 20 30.84 26.26 0.06
C VAL A 20 29.95 25.67 1.19
N CYS A 21 28.68 25.31 0.93
CA CYS A 21 27.83 24.68 1.95
C CYS A 21 28.28 23.23 2.16
N HIS A 22 27.80 22.58 3.23
CA HIS A 22 28.17 21.20 3.57
C HIS A 22 27.79 20.17 2.47
N TYR A 23 26.70 20.41 1.72
CA TYR A 23 26.28 19.53 0.64
C TYR A 23 27.18 19.71 -0.61
N CYS A 24 27.55 20.96 -0.96
CA CYS A 24 28.45 21.23 -2.09
C CYS A 24 29.85 20.66 -1.79
N ARG A 25 30.37 20.87 -0.58
CA ARG A 25 31.71 20.40 -0.18
C ARG A 25 31.82 18.86 -0.28
N ASP A 26 30.69 18.14 -0.12
CA ASP A 26 30.63 16.69 -0.21
C ASP A 26 30.63 16.21 -1.67
N MET A 27 30.22 17.06 -2.65
CA MET A 27 30.15 16.67 -4.05
C MET A 27 31.53 16.36 -4.64
N LYS A 28 31.57 15.38 -5.56
CA LYS A 28 32.79 14.97 -6.27
C LYS A 28 33.38 16.14 -7.10
N LYS A 29 32.53 16.99 -7.69
CA LYS A 29 32.96 18.15 -8.50
C LYS A 29 33.69 19.21 -7.66
N PHE A 30 33.50 19.17 -6.32
CA PHE A 30 34.16 20.10 -5.39
C PHE A 30 35.22 19.37 -4.55
N GLY A 31 35.57 18.15 -4.99
CA GLY A 31 36.61 17.32 -4.36
C GLY A 31 36.21 16.51 -3.15
N GLY A 32 34.90 16.37 -2.89
CA GLY A 32 34.37 15.60 -1.77
C GLY A 32 34.15 14.13 -2.07
N PRO A 33 33.74 13.32 -1.05
CA PRO A 33 33.54 11.87 -1.27
C PRO A 33 32.32 11.51 -2.13
N GLY A 34 31.32 12.37 -2.16
CA GLY A 34 30.11 12.15 -2.94
C GLY A 34 29.12 11.15 -2.40
N ARG A 35 29.11 10.90 -1.08
CA ARG A 35 28.19 9.91 -0.51
C ARG A 35 26.80 10.49 -0.17
N MET A 36 26.70 11.78 0.22
CA MET A 36 25.41 12.38 0.63
C MET A 36 24.38 12.44 -0.50
N LYS A 37 24.84 12.82 -1.74
CA LYS A 37 24.03 12.93 -2.96
C LYS A 37 22.88 13.95 -2.81
N GLN A 38 23.06 14.97 -1.97
CA GLN A 38 22.02 15.98 -1.78
C GLN A 38 22.38 17.24 -2.53
N SER A 39 21.38 18.01 -2.89
CA SER A 39 21.57 19.24 -3.60
C SER A 39 22.14 20.34 -2.68
N CYS A 40 22.75 21.38 -3.29
CA CYS A 40 23.23 22.58 -2.61
C CYS A 40 22.11 23.10 -1.71
N VAL A 41 22.43 23.52 -0.46
CA VAL A 41 21.40 24.04 0.46
C VAL A 41 20.59 25.19 -0.20
N LEU A 42 21.25 26.04 -1.01
CA LEU A 42 20.64 27.20 -1.69
C LEU A 42 19.74 26.81 -2.87
N ARG A 43 19.78 25.54 -3.32
CA ARG A 43 19.00 25.10 -4.48
C ARG A 43 17.84 24.14 -4.12
N GLN A 44 17.34 24.20 -2.89
CA GLN A 44 16.24 23.34 -2.47
C GLN A 44 14.92 23.89 -3.06
N CYS A 45 14.39 23.19 -4.11
CA CYS A 45 13.21 23.59 -4.90
C CYS A 45 12.05 24.02 -4.00
N LEU A 46 11.50 25.21 -4.29
CA LEU A 46 10.40 25.85 -3.57
C LEU A 46 9.03 25.27 -3.98
N ALA A 47 8.93 24.68 -5.17
CA ALA A 47 7.70 24.11 -5.68
C ALA A 47 7.97 22.81 -6.48
N PRO A 48 8.38 21.68 -5.82
CA PRO A 48 8.67 20.46 -6.58
C PRO A 48 7.45 19.88 -7.30
N ARG A 49 7.70 19.34 -8.49
CA ARG A 49 6.71 18.76 -9.40
C ARG A 49 6.72 17.25 -9.41
N LEU A 50 5.60 16.66 -9.80
CA LEU A 50 5.45 15.21 -9.98
C LEU A 50 6.28 14.77 -11.20
N PRO A 51 6.97 13.59 -11.16
CA PRO A 51 7.73 13.12 -12.33
C PRO A 51 6.81 12.90 -13.54
N HIS A 52 7.36 13.01 -14.77
CA HIS A 52 6.61 12.87 -16.01
C HIS A 52 6.06 11.44 -16.25
N SER A 53 6.60 10.44 -15.52
CA SER A 53 6.26 9.02 -15.63
C SER A 53 5.01 8.62 -14.83
N VAL A 54 4.54 9.52 -13.94
CA VAL A 54 3.38 9.32 -13.07
C VAL A 54 2.11 9.20 -13.93
N THR A 55 1.23 8.23 -13.60
CA THR A 55 -0.01 7.98 -14.36
C THR A 55 -1.25 8.08 -13.46
N CYS A 56 -2.43 8.30 -14.10
CA CYS A 56 -3.75 8.35 -13.46
C CYS A 56 -4.13 6.96 -12.94
N SER A 57 -4.64 6.87 -11.69
CA SER A 57 -5.06 5.61 -11.06
C SER A 57 -6.26 4.96 -11.75
N LEU A 58 -7.07 5.74 -12.48
CA LEU A 58 -8.29 5.27 -13.12
C LEU A 58 -8.13 4.90 -14.60
N CYS A 59 -7.32 5.64 -15.38
CA CYS A 59 -7.17 5.35 -16.81
C CYS A 59 -5.75 4.89 -17.19
N GLY A 60 -4.77 5.11 -16.31
CA GLY A 60 -3.39 4.71 -16.54
C GLY A 60 -2.59 5.59 -17.48
N GLU A 61 -3.15 6.75 -17.87
CA GLU A 61 -2.47 7.71 -18.76
C GLU A 61 -1.71 8.75 -17.95
N VAL A 62 -0.67 9.33 -18.57
CA VAL A 62 0.20 10.38 -18.01
C VAL A 62 -0.53 11.76 -18.05
N ASP A 63 0.09 12.79 -17.45
CA ASP A 63 -0.38 14.19 -17.44
C ASP A 63 -0.32 14.71 -18.88
N GLN A 64 -1.47 15.14 -19.42
CA GLN A 64 -1.58 15.61 -20.80
C GLN A 64 -1.85 17.14 -20.90
N ASN A 65 -1.59 17.89 -19.82
CA ASN A 65 -1.81 19.34 -19.76
C ASN A 65 -0.81 20.14 -20.60
N GLU A 66 0.42 19.63 -20.82
CA GLU A 66 1.47 20.32 -21.61
C GLU A 66 1.03 20.57 -23.06
N GLU A 67 0.15 19.71 -23.61
CA GLU A 67 -0.36 19.85 -24.98
C GLU A 67 -1.84 20.31 -24.98
N THR A 68 -2.71 19.73 -24.11
CA THR A 68 -4.15 20.02 -24.03
C THR A 68 -4.49 21.42 -23.44
N GLN A 69 -3.73 21.89 -22.43
CA GLN A 69 -3.94 23.14 -21.69
C GLN A 69 -5.36 23.16 -21.03
N ASP A 70 -5.70 22.06 -20.31
CA ASP A 70 -6.99 21.82 -19.65
C ASP A 70 -6.76 21.21 -18.26
N PHE A 71 -7.27 21.87 -17.18
CA PHE A 71 -7.14 21.43 -15.78
C PHE A 71 -7.57 19.96 -15.54
N GLU A 72 -8.56 19.48 -16.29
CA GLU A 72 -9.12 18.12 -16.18
C GLU A 72 -8.17 17.05 -16.77
N LYS A 73 -7.20 17.47 -17.65
CA LYS A 73 -6.17 16.64 -18.31
C LYS A 73 -4.86 16.64 -17.47
N LYS A 74 -4.78 17.50 -16.44
CA LYS A 74 -3.68 17.54 -15.50
C LYS A 74 -3.75 16.34 -14.61
N LEU A 75 -2.64 15.98 -13.99
CA LEU A 75 -2.66 14.95 -12.95
C LEU A 75 -2.68 15.71 -11.64
N MET A 76 -3.52 15.28 -10.68
CA MET A 76 -3.62 15.89 -9.36
C MET A 76 -3.35 14.84 -8.32
N GLU A 77 -2.54 15.18 -7.33
CA GLU A 77 -2.24 14.28 -6.22
C GLU A 77 -2.96 14.72 -4.97
N CYS A 78 -3.72 13.81 -4.33
CA CYS A 78 -4.44 14.15 -3.10
C CYS A 78 -3.49 14.10 -1.91
N CYS A 79 -3.39 15.22 -1.15
CA CYS A 79 -2.52 15.30 0.01
C CYS A 79 -3.13 14.53 1.23
N ILE A 80 -4.36 14.00 1.09
CA ILE A 80 -5.02 13.22 2.13
C ILE A 80 -4.92 11.72 1.80
N CYS A 81 -5.47 11.26 0.64
CA CYS A 81 -5.48 9.83 0.29
C CYS A 81 -4.30 9.39 -0.62
N ASN A 82 -3.43 10.34 -1.08
CA ASN A 82 -2.26 10.12 -1.95
C ASN A 82 -2.62 9.59 -3.36
N GLU A 83 -3.90 9.58 -3.75
CA GLU A 83 -4.32 9.13 -5.07
C GLU A 83 -3.97 10.20 -6.14
N ILE A 84 -3.51 9.73 -7.30
CA ILE A 84 -3.12 10.57 -8.43
C ILE A 84 -4.10 10.26 -9.56
N VAL A 85 -4.96 11.24 -9.88
CA VAL A 85 -6.00 11.13 -10.91
C VAL A 85 -6.04 12.36 -11.82
N HIS A 86 -6.74 12.23 -12.95
CA HIS A 86 -7.16 13.33 -13.79
C HIS A 86 -8.45 13.82 -13.16
N PRO A 87 -8.63 15.12 -12.83
CA PRO A 87 -9.92 15.55 -12.28
C PRO A 87 -11.12 15.07 -13.13
N GLY A 88 -10.95 15.08 -14.47
CA GLY A 88 -11.97 14.64 -15.42
C GLY A 88 -12.34 13.17 -15.35
N CYS A 89 -11.47 12.32 -14.78
CA CYS A 89 -11.74 10.88 -14.66
C CYS A 89 -12.63 10.56 -13.43
N LEU A 90 -12.76 11.51 -12.47
CA LEU A 90 -13.57 11.34 -11.27
C LEU A 90 -15.06 11.39 -11.60
N GLN A 91 -15.83 10.40 -11.10
CA GLN A 91 -17.27 10.24 -11.40
C GLN A 91 -18.21 10.96 -10.43
N MET A 92 -17.68 11.73 -9.45
CA MET A 92 -18.57 12.46 -8.53
C MET A 92 -18.40 13.99 -8.70
N ASP A 93 -19.33 14.77 -8.11
CA ASP A 93 -19.31 16.23 -8.14
C ASP A 93 -18.32 16.79 -7.10
N GLY A 94 -17.97 18.05 -7.23
CA GLY A 94 -17.06 18.71 -6.31
C GLY A 94 -15.78 19.16 -6.96
N GLU A 95 -15.28 20.32 -6.52
CA GLU A 95 -14.06 20.97 -6.98
C GLU A 95 -12.82 20.53 -6.17
N GLY A 96 -13.04 20.00 -4.98
CA GLY A 96 -11.93 19.67 -4.08
C GLY A 96 -11.35 20.93 -3.46
N LEU A 97 -10.14 20.84 -2.86
CA LEU A 97 -9.50 22.01 -2.24
C LEU A 97 -8.04 22.11 -2.71
N LEU A 98 -7.77 23.08 -3.58
CA LEU A 98 -6.44 23.29 -4.15
C LEU A 98 -5.37 23.69 -3.10
N ASN A 99 -4.23 23.00 -3.14
CA ASN A 99 -3.10 23.28 -2.27
C ASN A 99 -2.24 24.32 -2.98
N GLU A 100 -1.99 25.46 -2.32
CA GLU A 100 -1.22 26.58 -2.86
C GLU A 100 0.30 26.44 -2.60
N GLU A 101 0.71 25.47 -1.77
CA GLU A 101 2.12 25.24 -1.42
C GLU A 101 2.83 24.37 -2.48
N LEU A 102 2.15 23.32 -3.01
CA LEU A 102 2.72 22.44 -4.03
C LEU A 102 1.93 22.45 -5.33
N PRO A 103 2.57 22.40 -6.54
CA PRO A 103 1.78 22.25 -7.77
C PRO A 103 1.13 20.85 -7.87
N ASN A 104 0.08 20.69 -8.72
CA ASN A 104 -0.66 19.44 -8.94
C ASN A 104 -0.97 18.74 -7.62
N CYS A 105 -1.50 19.51 -6.66
CA CYS A 105 -1.80 19.02 -5.32
C CYS A 105 -3.10 19.63 -4.82
N TRP A 106 -3.94 18.81 -4.19
CA TRP A 106 -5.22 19.19 -3.64
C TRP A 106 -5.71 18.20 -2.59
N GLU A 107 -6.84 18.51 -1.97
CA GLU A 107 -7.68 17.62 -1.20
C GLU A 107 -8.73 17.26 -2.22
N CYS A 108 -8.71 16.02 -2.72
CA CYS A 108 -9.59 15.58 -3.80
C CYS A 108 -11.12 15.63 -3.43
N PRO A 109 -12.06 15.62 -4.43
CA PRO A 109 -13.51 15.67 -4.11
C PRO A 109 -14.03 14.52 -3.21
N LYS A 110 -13.29 13.40 -3.09
CA LYS A 110 -13.67 12.29 -2.20
C LYS A 110 -13.30 12.61 -0.76
N CYS A 111 -12.13 13.29 -0.56
CA CYS A 111 -11.60 13.65 0.76
C CYS A 111 -12.12 14.99 1.24
N TYR A 112 -12.50 15.90 0.32
CA TYR A 112 -13.02 17.24 0.63
C TYR A 112 -14.41 17.40 0.04
N MET B 2 0.23 -19.29 3.02
CA MET B 2 -1.03 -18.79 2.46
C MET B 2 -2.17 -19.77 2.78
N ARG B 3 -1.97 -21.10 2.55
CA ARG B 3 -2.98 -22.14 2.84
C ARG B 3 -3.27 -22.16 4.34
N ARG B 4 -4.53 -21.95 4.73
CA ARG B 4 -4.89 -21.86 6.14
C ARG B 4 -5.71 -23.09 6.64
N VAL B 5 -5.96 -23.13 7.97
CA VAL B 5 -6.62 -24.22 8.69
C VAL B 5 -7.89 -23.69 9.40
N ARG B 6 -8.94 -24.57 9.56
CA ARG B 6 -10.23 -24.35 10.23
C ARG B 6 -9.94 -23.82 11.67
N CYS B 7 -10.54 -22.66 12.04
CA CYS B 7 -10.32 -21.99 13.34
C CYS B 7 -11.04 -22.72 14.50
N ARG B 8 -12.15 -23.45 14.20
CA ARG B 8 -12.97 -24.20 15.17
C ARG B 8 -13.75 -23.28 16.15
N LYS B 9 -13.71 -21.95 15.93
CA LYS B 9 -14.33 -20.94 16.81
C LYS B 9 -15.47 -20.14 16.19
N CYS B 10 -15.40 -19.84 14.88
CA CYS B 10 -16.40 -19.00 14.20
C CYS B 10 -17.78 -19.65 14.10
N LYS B 11 -18.79 -18.84 13.71
CA LYS B 11 -20.20 -19.21 13.55
C LYS B 11 -20.37 -20.41 12.58
N ALA B 12 -19.58 -20.44 11.49
CA ALA B 12 -19.58 -21.54 10.51
C ALA B 12 -18.99 -22.83 11.11
N CYS B 13 -17.81 -22.76 11.78
CA CYS B 13 -17.13 -23.91 12.41
C CYS B 13 -18.00 -24.60 13.48
N VAL B 14 -18.66 -23.78 14.34
CA VAL B 14 -19.46 -24.24 15.50
C VAL B 14 -20.88 -24.68 15.10
N GLN B 15 -21.37 -24.22 13.94
CA GLN B 15 -22.68 -24.57 13.35
C GLN B 15 -22.71 -26.05 12.98
N GLY B 16 -23.88 -26.68 13.10
CA GLY B 16 -24.07 -28.07 12.68
C GLY B 16 -24.23 -28.18 11.16
N GLU B 17 -24.10 -29.41 10.63
CA GLU B 17 -24.27 -29.69 9.19
C GLU B 17 -25.73 -29.46 8.82
N CYS B 18 -25.96 -28.66 7.75
CA CYS B 18 -27.31 -28.24 7.34
C CYS B 18 -28.18 -29.43 6.78
N GLY B 19 -27.53 -30.44 6.22
CA GLY B 19 -28.19 -31.62 5.66
C GLY B 19 -28.84 -31.43 4.29
N VAL B 20 -28.80 -30.21 3.73
CA VAL B 20 -29.52 -29.93 2.48
C VAL B 20 -28.62 -29.38 1.34
N CYS B 21 -27.38 -28.93 1.63
CA CYS B 21 -26.48 -28.44 0.57
C CYS B 21 -25.94 -29.64 -0.22
N HIS B 22 -25.31 -29.40 -1.37
CA HIS B 22 -24.75 -30.44 -2.24
C HIS B 22 -23.64 -31.30 -1.54
N TYR B 23 -22.87 -30.72 -0.62
CA TYR B 23 -21.86 -31.47 0.11
C TYR B 23 -22.48 -32.38 1.20
N CYS B 24 -23.51 -31.88 1.93
CA CYS B 24 -24.24 -32.69 2.94
C CYS B 24 -24.98 -33.85 2.26
N ARG B 25 -25.67 -33.58 1.13
CA ARG B 25 -26.43 -34.60 0.40
C ARG B 25 -25.53 -35.75 -0.09
N ASP B 26 -24.24 -35.47 -0.31
CA ASP B 26 -23.27 -36.47 -0.75
C ASP B 26 -22.76 -37.34 0.42
N MET B 27 -22.87 -36.87 1.67
CA MET B 27 -22.39 -37.61 2.85
C MET B 27 -23.19 -38.89 3.08
N LYS B 28 -22.49 -39.94 3.57
CA LYS B 28 -23.09 -41.24 3.89
C LYS B 28 -24.17 -41.12 4.96
N LYS B 29 -23.98 -40.22 5.96
CA LYS B 29 -24.95 -40.01 7.05
C LYS B 29 -26.30 -39.43 6.53
N PHE B 30 -26.29 -38.83 5.33
CA PHE B 30 -27.48 -38.26 4.70
C PHE B 30 -27.92 -39.11 3.50
N GLY B 31 -27.37 -40.32 3.40
CA GLY B 31 -27.72 -41.29 2.36
C GLY B 31 -27.03 -41.17 1.03
N GLY B 32 -25.98 -40.35 0.94
CA GLY B 32 -25.22 -40.15 -0.29
C GLY B 32 -24.07 -41.12 -0.49
N PRO B 33 -23.35 -41.05 -1.64
CA PRO B 33 -22.26 -42.01 -1.90
C PRO B 33 -20.99 -41.80 -1.06
N GLY B 34 -20.78 -40.59 -0.58
CA GLY B 34 -19.63 -40.25 0.25
C GLY B 34 -18.29 -40.10 -0.47
N ARG B 35 -18.31 -39.79 -1.77
CA ARG B 35 -17.05 -39.65 -2.52
C ARG B 35 -16.41 -38.26 -2.45
N MET B 36 -17.21 -37.18 -2.31
CA MET B 36 -16.67 -35.80 -2.29
C MET B 36 -15.79 -35.51 -1.07
N LYS B 37 -16.22 -35.99 0.14
CA LYS B 37 -15.50 -35.83 1.41
C LYS B 37 -15.29 -34.35 1.80
N GLN B 38 -16.17 -33.44 1.36
CA GLN B 38 -16.03 -32.04 1.69
C GLN B 38 -17.00 -31.65 2.79
N SER B 39 -16.66 -30.59 3.53
CA SER B 39 -17.50 -30.09 4.61
C SER B 39 -18.76 -29.44 4.05
N CYS B 40 -19.80 -29.39 4.90
CA CYS B 40 -21.05 -28.66 4.64
C CYS B 40 -20.69 -27.24 4.12
N VAL B 41 -21.38 -26.75 3.07
CA VAL B 41 -21.15 -25.43 2.49
C VAL B 41 -21.27 -24.36 3.59
N LEU B 42 -22.21 -24.54 4.53
CA LEU B 42 -22.44 -23.58 5.62
C LEU B 42 -21.38 -23.64 6.75
N ARG B 43 -20.47 -24.65 6.73
CA ARG B 43 -19.43 -24.80 7.76
C ARG B 43 -18.03 -24.37 7.26
N GLN B 44 -17.97 -23.63 6.14
CA GLN B 44 -16.71 -23.14 5.58
C GLN B 44 -16.25 -21.97 6.44
N CYS B 45 -15.11 -22.18 7.13
CA CYS B 45 -14.52 -21.26 8.12
C CYS B 45 -14.48 -19.80 7.63
N LEU B 46 -15.04 -18.90 8.43
CA LEU B 46 -15.12 -17.46 8.17
C LEU B 46 -13.80 -16.72 8.50
N ALA B 47 -12.97 -17.33 9.37
CA ALA B 47 -11.70 -16.75 9.82
C ALA B 47 -10.63 -17.85 9.95
N PRO B 48 -10.14 -18.43 8.82
CA PRO B 48 -9.13 -19.50 8.94
C PRO B 48 -7.80 -18.99 9.52
N ARG B 49 -7.04 -19.86 10.20
CA ARG B 49 -5.78 -19.47 10.83
C ARG B 49 -4.53 -20.07 10.15
N LEU B 50 -3.34 -19.44 10.36
CA LEU B 50 -2.07 -19.91 9.80
C LEU B 50 -1.60 -21.19 10.51
N PRO B 51 -1.11 -22.22 9.78
CA PRO B 51 -0.58 -23.42 10.47
C PRO B 51 0.65 -23.08 11.33
N HIS B 52 0.91 -23.86 12.38
CA HIS B 52 2.04 -23.61 13.30
C HIS B 52 3.42 -23.85 12.66
N SER B 53 3.47 -24.49 11.47
CA SER B 53 4.69 -24.82 10.71
C SER B 53 5.20 -23.64 9.84
N VAL B 54 4.38 -22.59 9.70
CA VAL B 54 4.67 -21.39 8.92
C VAL B 54 5.85 -20.62 9.56
N THR B 55 6.79 -20.13 8.74
CA THR B 55 7.97 -19.42 9.21
C THR B 55 8.07 -17.98 8.62
N CYS B 56 8.83 -17.12 9.33
CA CYS B 56 9.13 -15.73 8.96
C CYS B 56 10.01 -15.68 7.70
N SER B 57 9.66 -14.81 6.75
CA SER B 57 10.40 -14.61 5.49
C SER B 57 11.82 -14.05 5.69
N LEU B 58 12.07 -13.37 6.83
CA LEU B 58 13.34 -12.71 7.11
C LEU B 58 14.29 -13.55 7.97
N CYS B 59 13.78 -14.28 8.99
CA CYS B 59 14.66 -15.04 9.88
C CYS B 59 14.46 -16.57 9.77
N GLY B 60 13.36 -17.01 9.18
CA GLY B 60 13.06 -18.43 9.00
C GLY B 60 12.55 -19.15 10.24
N GLU B 61 12.23 -18.39 11.32
CA GLU B 61 11.71 -18.94 12.57
C GLU B 61 10.17 -18.92 12.58
N VAL B 62 9.57 -19.82 13.38
CA VAL B 62 8.14 -19.98 13.57
C VAL B 62 7.58 -18.87 14.52
N ASP B 63 6.24 -18.82 14.69
CA ASP B 63 5.52 -17.93 15.60
C ASP B 63 5.88 -18.34 17.04
N GLN B 64 6.46 -17.41 17.81
CA GLN B 64 6.93 -17.67 19.18
C GLN B 64 6.08 -16.94 20.26
N ASN B 65 4.86 -16.49 19.89
CA ASN B 65 3.94 -15.79 20.80
C ASN B 65 3.31 -16.76 21.81
N PHE B 71 3.40 -9.41 20.71
CA PHE B 71 2.98 -9.10 19.35
C PHE B 71 4.15 -9.12 18.38
N GLU B 72 5.35 -8.67 18.80
CA GLU B 72 6.53 -8.62 17.93
C GLU B 72 7.10 -10.03 17.63
N LYS B 73 6.79 -11.04 18.48
CA LYS B 73 7.23 -12.43 18.31
C LYS B 73 6.17 -13.27 17.56
N LYS B 74 5.00 -12.66 17.31
CA LYS B 74 3.86 -13.22 16.60
C LYS B 74 4.09 -13.18 15.08
N LEU B 75 3.57 -14.15 14.33
CA LEU B 75 3.70 -14.14 12.86
C LEU B 75 2.48 -13.46 12.26
N MET B 76 2.71 -12.49 11.36
CA MET B 76 1.66 -11.71 10.71
C MET B 76 1.77 -11.83 9.21
N GLU B 77 0.64 -12.06 8.53
CA GLU B 77 0.60 -12.18 7.07
C GLU B 77 -0.02 -10.93 6.45
N CYS B 78 0.67 -10.33 5.47
CA CYS B 78 0.17 -9.13 4.81
C CYS B 78 -0.90 -9.50 3.76
N CYS B 79 -2.10 -8.92 3.89
CA CYS B 79 -3.21 -9.19 2.97
C CYS B 79 -2.99 -8.45 1.61
N ILE B 80 -1.92 -7.63 1.50
CA ILE B 80 -1.59 -6.91 0.28
C ILE B 80 -0.43 -7.61 -0.44
N CYS B 81 0.76 -7.75 0.20
CA CYS B 81 1.93 -8.35 -0.45
C CYS B 81 2.12 -9.86 -0.14
N ASN B 82 1.27 -10.46 0.72
CA ASN B 82 1.30 -11.89 1.12
C ASN B 82 2.59 -12.30 1.90
N GLU B 83 3.41 -11.33 2.33
CA GLU B 83 4.62 -11.66 3.11
C GLU B 83 4.24 -12.04 4.56
N ILE B 84 4.88 -13.09 5.10
CA ILE B 84 4.69 -13.56 6.48
C ILE B 84 5.95 -13.19 7.26
N VAL B 85 5.82 -12.32 8.28
CA VAL B 85 6.94 -11.86 9.12
C VAL B 85 6.55 -11.73 10.59
N HIS B 86 7.59 -11.62 11.44
CA HIS B 86 7.49 -11.20 12.84
C HIS B 86 7.52 -9.67 12.79
N PRO B 87 6.58 -8.89 13.40
CA PRO B 87 6.68 -7.42 13.35
C PRO B 87 8.08 -6.92 13.79
N GLY B 88 8.67 -7.56 14.79
CA GLY B 88 10.00 -7.27 15.32
C GLY B 88 11.16 -7.47 14.34
N CYS B 89 10.97 -8.27 13.27
CA CYS B 89 12.02 -8.49 12.27
C CYS B 89 12.07 -7.34 11.23
N LEU B 90 11.01 -6.52 11.14
CA LEU B 90 10.93 -5.40 10.20
C LEU B 90 11.82 -4.26 10.67
N GLN B 91 12.65 -3.70 9.76
CA GLN B 91 13.62 -2.65 10.06
C GLN B 91 13.08 -1.22 9.93
N MET B 92 11.79 -1.02 9.62
CA MET B 92 11.23 0.33 9.52
C MET B 92 10.15 0.57 10.59
N ASP B 93 9.77 1.85 10.77
CA ASP B 93 8.74 2.29 11.71
C ASP B 93 7.34 2.09 11.08
N GLY B 94 6.31 2.19 11.91
CA GLY B 94 4.93 1.99 11.47
C GLY B 94 4.30 0.77 12.09
N GLU B 95 3.01 0.91 12.46
CA GLU B 95 2.21 -0.14 13.08
C GLU B 95 1.48 -1.01 12.06
N GLY B 96 1.35 -0.53 10.83
CA GLY B 96 0.59 -1.21 9.79
C GLY B 96 -0.90 -1.05 10.04
N LEU B 97 -1.74 -1.89 9.42
CA LEU B 97 -3.19 -1.82 9.61
C LEU B 97 -3.74 -3.21 9.92
N LEU B 98 -4.06 -3.45 11.20
CA LEU B 98 -4.54 -4.75 11.69
C LEU B 98 -5.90 -5.11 11.11
N ASN B 99 -6.01 -6.34 10.56
CA ASN B 99 -7.25 -6.86 10.03
C ASN B 99 -7.99 -7.53 11.18
N GLU B 100 -9.21 -7.06 11.49
CA GLU B 100 -10.02 -7.57 12.61
C GLU B 100 -10.90 -8.74 12.17
N GLU B 101 -11.03 -8.99 10.85
CA GLU B 101 -11.86 -10.06 10.30
C GLU B 101 -11.14 -11.41 10.31
N LEU B 102 -9.82 -11.41 10.00
CA LEU B 102 -8.97 -12.59 9.88
C LEU B 102 -7.84 -12.59 10.95
N PRO B 103 -7.50 -13.76 11.54
CA PRO B 103 -6.40 -13.80 12.54
C PRO B 103 -5.02 -13.69 11.89
N ASN B 104 -4.01 -13.17 12.63
CA ASN B 104 -2.62 -12.98 12.17
C ASN B 104 -2.57 -12.39 10.75
N CYS B 105 -3.30 -11.30 10.56
CA CYS B 105 -3.47 -10.64 9.27
C CYS B 105 -3.47 -9.13 9.46
N TRP B 106 -2.79 -8.42 8.53
CA TRP B 106 -2.68 -6.97 8.50
C TRP B 106 -2.28 -6.47 7.12
N GLU B 107 -2.22 -5.15 6.98
CA GLU B 107 -1.61 -4.43 5.86
C GLU B 107 -0.29 -4.01 6.49
N CYS B 108 0.82 -4.68 6.14
CA CYS B 108 2.14 -4.50 6.78
C CYS B 108 2.68 -3.03 6.68
N PRO B 109 3.68 -2.61 7.53
CA PRO B 109 4.19 -1.22 7.46
C PRO B 109 4.83 -0.82 6.12
N LYS B 110 5.17 -1.78 5.25
CA LYS B 110 5.70 -1.51 3.90
C LYS B 110 4.55 -1.17 2.93
N CYS B 111 3.39 -1.84 3.09
CA CYS B 111 2.21 -1.67 2.25
C CYS B 111 1.28 -0.56 2.78
N TYR B 112 1.30 -0.31 4.09
CA TYR B 112 0.48 0.72 4.75
C TYR B 112 1.36 1.74 5.44
#